data_1FC1
#
_entry.id   1FC1
#
_cell.length_a   80.400
_cell.length_b   146.400
_cell.length_c   50.400
_cell.angle_alpha   90.00
_cell.angle_beta   90.00
_cell.angle_gamma   90.00
#
_symmetry.space_group_name_H-M   'P 21 21 21'
#
loop_
_entity.id
_entity.type
_entity.pdbx_description
1 polymer 'FC FRAGMENT'
2 branched beta-D-galactopyranose-(1-4)-2-acetamido-2-deoxy-beta-D-glucopyranose-(1-2)-alpha-D-mannopyranose-(1-6)-[2-acetamido-2-deoxy-beta-D-glucopyranose-(1-2)-alpha-D-mannopyranose-(1-3)]alpha-D-mannopyranose-(1-4)-2-acetamido-2-deoxy-beta-D-glucopyranose-(1-4)-[alpha-L-fucopyranose-(1-6)]2-acetamido-2-deoxy-beta-D-glucopyranose
#
_entity_poly.entity_id   1
_entity_poly.type   'polypeptide(L)'
_entity_poly.pdbx_seq_one_letter_code
;THTCPPCPAPELLGGPSVFLFPPKPKDTLMISRTPEVTCVVVDVSHEDPQVKFNWYVDGVQVHNAKTKPREQQYNSTYRV
VSVLTVLHQNWLDGKEYKCKVSNKALPAPIEKTISKAKGQPREPQVYTLPPSREEMTKNQVSLTCLVKGFYPSDIAVEWE
SNGQPENNYKTTPPVLDSDGSFFLYSKLTVDKSRWQQGNVFSCSVMHEALHNHYTQKSLSLSPG
;
_entity_poly.pdbx_strand_id   A,B
#
loop_
_chem_comp.id
_chem_comp.type
_chem_comp.name
_chem_comp.formula
FUC L-saccharide, alpha linking alpha-L-fucopyranose 'C6 H12 O5'
GAL D-saccharide, beta linking beta-D-galactopyranose 'C6 H12 O6'
MAN D-saccharide, alpha linking alpha-D-mannopyranose 'C6 H12 O6'
NAG D-saccharide, beta linking 2-acetamido-2-deoxy-beta-D-glucopyranose 'C8 H15 N O6'
#
# COMPACT_ATOMS: atom_id res chain seq x y z
N PRO A 16 -28.12 3.28 -7.36
CA PRO A 16 -27.35 4.28 -6.62
C PRO A 16 -26.46 3.69 -5.53
N SER A 17 -25.32 4.30 -5.37
CA SER A 17 -24.29 3.82 -4.45
C SER A 17 -23.79 4.90 -3.48
N VAL A 18 -23.67 4.52 -2.22
CA VAL A 18 -23.20 5.40 -1.14
C VAL A 18 -21.76 5.10 -0.73
N PHE A 19 -20.99 6.17 -0.50
CA PHE A 19 -19.56 6.13 -0.13
C PHE A 19 -19.27 7.11 1.01
N LEU A 20 -18.93 6.58 2.18
CA LEU A 20 -18.60 7.37 3.36
C LEU A 20 -17.10 7.56 3.49
N PHE A 21 -16.65 8.80 3.50
CA PHE A 21 -15.23 9.10 3.69
C PHE A 21 -14.95 9.76 5.02
N PRO A 22 -13.87 9.35 5.66
CA PRO A 22 -13.37 9.82 6.98
C PRO A 22 -12.60 11.12 6.81
N PRO A 23 -12.32 11.79 7.92
CA PRO A 23 -11.44 12.95 7.98
C PRO A 23 -9.98 12.59 7.71
N LYS A 24 -9.23 13.59 7.28
CA LYS A 24 -7.78 13.48 7.18
C LYS A 24 -7.08 13.75 8.51
N PRO A 25 -6.21 12.86 8.88
CA PRO A 25 -5.50 12.89 10.16
C PRO A 25 -5.01 14.25 10.64
N LYS A 26 -4.43 15.03 9.79
CA LYS A 26 -3.88 16.31 10.27
C LYS A 26 -4.95 17.23 10.85
N ASP A 27 -6.09 17.17 10.19
CA ASP A 27 -7.28 17.94 10.53
C ASP A 27 -7.86 17.57 11.89
N THR A 28 -7.77 16.33 12.24
CA THR A 28 -8.32 15.90 13.54
C THR A 28 -7.30 15.96 14.68
N LEU A 29 -6.04 16.08 14.33
CA LEU A 29 -4.98 16.12 15.34
C LEU A 29 -4.56 17.55 15.61
N MET A 30 -5.04 18.41 14.72
CA MET A 30 -4.96 19.86 14.95
C MET A 30 -6.29 20.49 15.29
N ILE A 31 -6.36 20.97 16.52
CA ILE A 31 -7.48 21.71 17.12
C ILE A 31 -7.97 22.80 16.18
N SER A 32 -6.98 23.44 15.63
CA SER A 32 -7.07 24.53 14.67
C SER A 32 -7.81 24.18 13.39
N ARG A 33 -8.06 22.91 13.12
CA ARG A 33 -8.55 22.48 11.79
C ARG A 33 -9.96 21.90 11.72
N THR A 34 -10.37 21.47 10.54
CA THR A 34 -11.76 21.01 10.38
C THR A 34 -11.96 19.63 9.77
N PRO A 35 -12.11 18.65 10.67
CA PRO A 35 -12.51 17.26 10.34
C PRO A 35 -13.93 17.21 9.81
N GLU A 36 -14.14 16.47 8.77
CA GLU A 36 -15.47 16.33 8.20
C GLU A 36 -15.63 15.01 7.46
N VAL A 37 -16.57 14.24 7.96
CA VAL A 37 -16.96 12.95 7.40
C VAL A 37 -17.91 13.18 6.23
N THR A 38 -17.48 12.74 5.06
CA THR A 38 -18.10 13.12 3.77
C THR A 38 -18.91 12.01 3.11
N CYS A 39 -20.17 12.24 2.86
CA CYS A 39 -21.00 11.22 2.22
C CYS A 39 -21.33 11.51 0.76
N VAL A 40 -20.90 10.63 -0.12
CA VAL A 40 -21.10 10.79 -1.55
C VAL A 40 -21.99 9.72 -2.20
N VAL A 41 -23.05 10.17 -2.85
CA VAL A 41 -23.98 9.30 -3.58
C VAL A 41 -23.83 9.38 -5.11
N VAL A 42 -23.49 8.25 -5.70
CA VAL A 42 -23.30 8.09 -7.15
C VAL A 42 -24.44 7.29 -7.76
N ASP A 43 -24.53 7.28 -9.09
CA ASP A 43 -25.57 6.60 -9.89
C ASP A 43 -27.01 6.93 -9.50
N VAL A 44 -27.18 8.08 -8.87
CA VAL A 44 -28.48 8.54 -8.35
C VAL A 44 -29.61 8.49 -9.37
N SER A 45 -29.37 9.10 -10.52
CA SER A 45 -30.22 9.13 -11.73
C SER A 45 -31.17 10.32 -11.90
N HIS A 46 -31.44 10.63 -13.15
CA HIS A 46 -32.30 11.73 -13.64
C HIS A 46 -33.78 11.57 -13.34
N GLU A 47 -34.22 10.33 -13.25
CA GLU A 47 -35.63 10.06 -13.01
C GLU A 47 -35.99 10.03 -11.52
N ASP A 48 -35.04 9.67 -10.68
CA ASP A 48 -35.16 9.82 -9.21
C ASP A 48 -34.02 10.56 -8.51
N PRO A 49 -33.76 11.82 -8.85
CA PRO A 49 -32.62 12.59 -8.25
C PRO A 49 -32.79 12.94 -6.76
N GLN A 50 -33.89 12.48 -6.20
CA GLN A 50 -34.32 12.82 -4.84
C GLN A 50 -33.64 12.02 -3.75
N VAL A 51 -32.52 12.55 -3.32
CA VAL A 51 -31.71 11.95 -2.26
C VAL A 51 -31.92 12.68 -0.95
N LYS A 52 -32.21 11.92 0.07
CA LYS A 52 -32.45 12.37 1.43
C LYS A 52 -31.46 11.77 2.41
N PHE A 53 -30.74 12.61 3.09
CA PHE A 53 -29.70 12.20 4.03
C PHE A 53 -30.16 12.21 5.49
N ASN A 54 -29.69 11.21 6.23
CA ASN A 54 -29.86 11.01 7.69
C ASN A 54 -28.54 10.68 8.40
N TRP A 55 -27.94 11.70 9.01
CA TRP A 55 -26.65 11.65 9.72
C TRP A 55 -26.82 11.39 11.21
N TYR A 56 -26.30 10.26 11.64
CA TYR A 56 -26.41 9.79 13.03
C TYR A 56 -25.04 9.67 13.71
N VAL A 57 -24.75 10.53 14.63
CA VAL A 57 -23.55 10.32 15.47
C VAL A 57 -23.77 9.43 16.68
N ASP A 58 -23.15 8.30 16.56
CA ASP A 58 -22.91 7.32 17.60
C ASP A 58 -24.16 6.57 18.00
N GLY A 59 -25.23 7.28 17.90
CA GLY A 59 -26.55 6.69 17.88
C GLY A 59 -27.57 7.78 17.65
N VAL A 60 -27.17 8.96 18.05
CA VAL A 60 -28.07 10.11 17.99
C VAL A 60 -28.08 10.79 16.63
N GLN A 61 -29.24 10.87 16.03
CA GLN A 61 -29.33 11.64 14.81
C GLN A 61 -28.90 13.07 15.12
N VAL A 62 -27.77 13.45 14.60
CA VAL A 62 -27.30 14.81 14.86
C VAL A 62 -28.00 15.77 13.92
N HIS A 63 -29.07 15.24 13.40
CA HIS A 63 -30.01 15.88 12.53
C HIS A 63 -29.35 16.83 11.55
N ASN A 64 -29.30 18.07 11.96
CA ASN A 64 -28.64 19.05 11.14
C ASN A 64 -27.15 19.12 11.43
N ALA A 65 -26.84 19.29 12.69
CA ALA A 65 -25.48 19.58 13.14
C ALA A 65 -24.97 20.79 12.36
N LYS A 66 -24.27 20.48 11.30
CA LYS A 66 -24.06 21.39 10.20
C LYS A 66 -23.74 20.63 8.91
N THR A 67 -24.62 19.72 8.62
CA THR A 67 -24.66 18.89 7.41
C THR A 67 -24.90 19.74 6.17
N LYS A 68 -24.18 19.49 5.10
CA LYS A 68 -24.44 20.31 3.92
C LYS A 68 -24.29 19.63 2.56
N PRO A 69 -25.40 19.19 1.96
CA PRO A 69 -25.48 18.65 0.57
C PRO A 69 -25.34 19.63 -0.62
N ARG A 70 -25.56 19.10 -1.84
CA ARG A 70 -25.69 19.73 -3.20
C ARG A 70 -25.64 18.73 -4.37
N GLU A 71 -26.39 19.01 -5.45
CA GLU A 71 -26.58 18.16 -6.67
C GLU A 71 -25.66 18.52 -7.85
N GLN A 72 -24.93 17.51 -8.35
CA GLN A 72 -24.06 17.61 -9.56
C GLN A 72 -24.51 16.73 -10.71
N GLN A 73 -24.56 17.30 -11.90
CA GLN A 73 -25.06 16.59 -13.09
C GLN A 73 -23.96 15.97 -13.95
N TYR A 74 -23.68 14.73 -13.63
CA TYR A 74 -22.55 13.95 -14.15
C TYR A 74 -22.80 13.20 -15.47
N ASN A 75 -21.85 12.29 -15.68
CA ASN A 75 -21.88 11.09 -16.54
C ASN A 75 -22.93 11.13 -17.65
N SER A 76 -24.07 10.68 -17.17
CA SER A 76 -25.42 10.65 -17.74
C SER A 76 -26.41 10.47 -16.59
N THR A 77 -25.96 10.92 -15.43
CA THR A 77 -26.58 10.70 -14.09
C THR A 77 -26.32 11.86 -13.12
N TYR A 78 -26.73 11.72 -11.86
CA TYR A 78 -26.42 12.72 -10.83
C TYR A 78 -25.45 12.25 -9.74
N ARG A 79 -24.88 13.22 -9.05
CA ARG A 79 -23.92 13.07 -7.95
C ARG A 79 -24.20 14.01 -6.78
N VAL A 80 -24.73 13.45 -5.71
CA VAL A 80 -25.02 14.22 -4.50
C VAL A 80 -24.07 13.94 -3.35
N VAL A 81 -23.48 15.00 -2.82
CA VAL A 81 -22.59 14.95 -1.66
C VAL A 81 -23.06 15.83 -0.51
N SER A 82 -23.13 15.21 0.65
CA SER A 82 -23.29 15.92 1.92
C SER A 82 -22.11 15.75 2.87
N VAL A 83 -21.91 16.74 3.71
CA VAL A 83 -20.80 16.76 4.66
C VAL A 83 -21.23 17.06 6.09
N LEU A 84 -20.75 16.23 7.01
CA LEU A 84 -20.94 16.43 8.45
C LEU A 84 -19.64 16.79 9.15
N THR A 85 -19.53 18.02 9.62
CA THR A 85 -18.34 18.49 10.34
C THR A 85 -18.12 17.79 11.67
N VAL A 86 -17.12 16.95 11.72
CA VAL A 86 -16.75 16.13 12.88
C VAL A 86 -16.01 16.88 13.99
N LEU A 87 -16.43 16.59 15.19
CA LEU A 87 -15.89 17.19 16.39
C LEU A 87 -14.72 16.37 16.92
N HIS A 88 -13.56 17.00 16.86
CA HIS A 88 -12.25 16.36 17.05
C HIS A 88 -12.26 15.24 18.07
N GLN A 89 -12.80 15.59 19.22
CA GLN A 89 -12.80 14.74 20.43
C GLN A 89 -13.69 13.53 20.27
N ASN A 90 -14.81 13.74 19.62
CA ASN A 90 -15.75 12.66 19.28
C ASN A 90 -15.08 11.65 18.36
N TRP A 91 -14.34 12.19 17.41
CA TRP A 91 -13.55 11.37 16.49
C TRP A 91 -12.52 10.53 17.23
N LEU A 92 -11.68 11.21 17.96
CA LEU A 92 -10.59 10.58 18.70
C LEU A 92 -11.01 9.60 19.81
N ASP A 93 -12.24 9.72 20.28
CA ASP A 93 -12.78 8.74 21.25
C ASP A 93 -13.49 7.57 20.59
N GLY A 94 -13.57 7.62 19.29
CA GLY A 94 -14.13 6.54 18.47
C GLY A 94 -15.66 6.45 18.41
N LYS A 95 -16.32 7.53 18.02
CA LYS A 95 -17.77 7.49 17.81
C LYS A 95 -18.13 6.68 16.58
N GLU A 96 -19.39 6.37 16.42
CA GLU A 96 -19.82 5.90 15.10
C GLU A 96 -20.44 7.03 14.32
N TYR A 97 -20.21 7.06 13.04
CA TYR A 97 -20.84 8.05 12.17
C TYR A 97 -21.63 7.34 11.09
N LYS A 98 -22.94 7.45 11.14
CA LYS A 98 -23.78 6.78 10.14
C LYS A 98 -24.41 7.76 9.19
N CYS A 99 -24.14 7.56 7.92
CA CYS A 99 -24.81 8.22 6.80
C CYS A 99 -25.82 7.28 6.15
N LYS A 100 -27.08 7.60 6.37
CA LYS A 100 -28.23 6.81 5.95
C LYS A 100 -29.05 7.57 4.93
N VAL A 101 -28.99 7.10 3.71
CA VAL A 101 -29.53 7.79 2.53
C VAL A 101 -30.77 7.12 1.97
N SER A 102 -31.80 7.92 1.84
CA SER A 102 -33.10 7.56 1.27
C SER A 102 -33.22 8.15 -0.14
N ASN A 103 -33.78 7.39 -1.06
CA ASN A 103 -34.04 7.81 -2.45
C ASN A 103 -34.97 6.83 -3.16
N LYS A 104 -36.19 7.26 -3.43
CA LYS A 104 -37.31 6.46 -3.99
C LYS A 104 -36.94 5.29 -4.93
N ALA A 105 -35.93 5.52 -5.76
CA ALA A 105 -35.39 4.52 -6.69
C ALA A 105 -34.87 3.29 -5.93
N LEU A 106 -33.89 3.58 -5.11
CA LEU A 106 -33.30 2.64 -4.16
C LEU A 106 -34.35 2.11 -3.17
N PRO A 107 -34.63 0.82 -3.25
CA PRO A 107 -35.73 0.17 -2.49
C PRO A 107 -35.68 0.39 -0.98
N ALA A 108 -34.58 0.02 -0.38
CA ALA A 108 -34.29 0.27 1.04
C ALA A 108 -33.09 1.21 1.18
N PRO A 109 -33.19 2.14 2.12
CA PRO A 109 -32.18 3.17 2.33
C PRO A 109 -30.82 2.59 2.72
N ILE A 110 -29.81 3.09 2.09
CA ILE A 110 -28.45 2.63 2.33
C ILE A 110 -27.83 3.29 3.55
N GLU A 111 -27.46 2.48 4.51
CA GLU A 111 -26.69 2.99 5.63
C GLU A 111 -25.21 2.61 5.57
N LYS A 112 -24.36 3.59 5.80
CA LYS A 112 -22.90 3.40 5.88
C LYS A 112 -22.34 4.02 7.15
N THR A 113 -21.65 3.26 7.95
CA THR A 113 -21.20 3.74 9.26
C THR A 113 -19.68 3.76 9.35
N ILE A 114 -19.12 4.71 10.04
CA ILE A 114 -17.67 4.89 10.09
C ILE A 114 -17.16 5.31 11.46
N SER A 115 -15.91 5.00 11.75
CA SER A 115 -15.17 5.37 12.97
C SER A 115 -13.68 5.28 12.73
N LYS A 116 -12.91 5.37 13.79
CA LYS A 116 -11.51 4.98 13.68
C LYS A 116 -11.22 3.58 14.17
N ALA A 117 -10.10 3.06 13.68
CA ALA A 117 -9.60 1.72 13.98
C ALA A 117 -9.68 1.35 15.45
N LYS A 118 -10.54 0.40 15.71
CA LYS A 118 -10.81 -0.04 17.07
C LYS A 118 -9.58 -0.69 17.66
N GLY A 119 -9.10 -0.08 18.70
CA GLY A 119 -7.94 -0.61 19.41
C GLY A 119 -7.46 0.39 20.45
N GLN A 120 -6.38 0.01 21.10
CA GLN A 120 -5.71 0.91 22.02
C GLN A 120 -4.43 1.50 21.43
N PRO A 121 -4.45 2.78 21.26
CA PRO A 121 -3.41 3.60 20.61
C PRO A 121 -2.01 3.45 21.19
N ARG A 122 -1.04 3.40 20.31
CA ARG A 122 0.39 3.25 20.63
C ARG A 122 1.24 4.39 20.11
N GLU A 123 2.14 4.90 20.93
CA GLU A 123 3.07 6.00 20.61
C GLU A 123 4.18 5.63 19.64
N PRO A 124 4.20 6.31 18.53
CA PRO A 124 5.15 6.14 17.41
C PRO A 124 6.61 6.43 17.78
N GLN A 125 7.43 5.42 17.71
CA GLN A 125 8.88 5.60 17.82
C GLN A 125 9.50 6.13 16.53
N VAL A 126 10.10 7.31 16.59
CA VAL A 126 10.68 8.03 15.44
C VAL A 126 12.21 8.08 15.41
N TYR A 127 12.86 7.31 14.54
CA TYR A 127 14.33 7.35 14.42
C TYR A 127 14.79 7.79 13.04
N THR A 128 15.52 8.89 12.99
CA THR A 128 16.15 9.39 11.77
C THR A 128 17.46 8.66 11.43
N LEU A 129 17.55 8.28 10.19
CA LEU A 129 18.69 7.57 9.60
C LEU A 129 19.37 8.40 8.51
N PRO A 130 20.64 8.67 8.70
CA PRO A 130 21.54 9.29 7.70
C PRO A 130 21.81 8.32 6.55
N PRO A 131 22.23 8.84 5.40
CA PRO A 131 22.57 8.06 4.19
C PRO A 131 23.70 7.05 4.34
N SER A 132 23.62 5.97 3.59
CA SER A 132 24.69 4.97 3.54
C SER A 132 25.95 5.53 2.89
N ARG A 133 27.07 5.03 3.35
CA ARG A 133 28.39 5.46 2.89
C ARG A 133 28.48 5.47 1.37
N GLU A 134 27.99 4.39 0.81
CA GLU A 134 27.98 4.18 -0.63
C GLU A 134 27.14 5.19 -1.38
N GLU A 135 26.13 5.71 -0.74
CA GLU A 135 25.25 6.62 -1.47
C GLU A 135 25.88 8.00 -1.58
N MET A 136 27.00 8.13 -0.91
CA MET A 136 27.77 9.38 -0.99
C MET A 136 28.60 9.43 -2.26
N THR A 137 28.75 8.26 -2.86
CA THR A 137 29.22 8.09 -4.25
C THR A 137 28.26 8.77 -5.21
N LYS A 138 27.00 8.81 -4.84
CA LYS A 138 25.99 9.45 -5.69
C LYS A 138 25.92 10.95 -5.54
N ASN A 139 25.14 11.54 -6.40
CA ASN A 139 25.07 12.98 -6.60
C ASN A 139 24.05 13.62 -5.66
N GLN A 140 23.11 12.76 -5.31
CA GLN A 140 22.02 12.98 -4.36
C GLN A 140 21.86 11.84 -3.37
N VAL A 141 21.66 12.24 -2.13
CA VAL A 141 21.56 11.31 -1.00
C VAL A 141 20.18 11.20 -0.38
N SER A 142 19.90 10.06 0.22
CA SER A 142 18.59 9.78 0.81
C SER A 142 18.55 9.81 2.33
N LEU A 143 17.76 10.74 2.84
CA LEU A 143 17.46 10.90 4.27
C LEU A 143 16.18 10.18 4.68
N THR A 144 16.32 9.31 5.67
CA THR A 144 15.30 8.33 6.06
C THR A 144 14.80 8.49 7.49
N CYS A 145 13.53 8.69 7.66
CA CYS A 145 13.08 8.43 9.04
C CYS A 145 12.05 7.32 9.14
N LEU A 146 12.29 6.44 10.10
CA LEU A 146 11.46 5.30 10.50
C LEU A 146 10.48 5.69 11.61
N VAL A 147 9.22 5.46 11.37
CA VAL A 147 8.16 5.60 12.37
C VAL A 147 7.57 4.23 12.71
N LYS A 148 7.91 3.68 13.83
CA LYS A 148 7.51 2.29 14.06
C LYS A 148 6.81 2.03 15.39
N GLY A 149 6.03 0.96 15.40
CA GLY A 149 5.27 0.52 16.58
C GLY A 149 4.13 1.46 17.00
N PHE A 150 3.52 2.12 16.03
CA PHE A 150 2.34 2.99 16.17
C PHE A 150 1.00 2.33 15.85
N TYR A 151 -0.06 2.90 16.39
CA TYR A 151 -1.45 2.45 16.25
C TYR A 151 -2.38 3.58 16.67
N PRO A 152 -3.51 3.81 16.00
CA PRO A 152 -3.92 3.20 14.72
C PRO A 152 -3.14 3.82 13.57
N SER A 153 -3.43 3.43 12.36
CA SER A 153 -2.50 3.75 11.29
C SER A 153 -2.66 5.16 10.75
N ASP A 154 -3.52 5.91 11.39
CA ASP A 154 -3.70 7.32 11.08
C ASP A 154 -2.51 8.13 11.55
N ILE A 155 -1.73 8.62 10.61
CA ILE A 155 -0.58 9.46 10.96
C ILE A 155 -0.30 10.50 9.90
N ALA A 156 0.48 11.50 10.21
CA ALA A 156 0.95 12.47 9.20
C ALA A 156 2.43 12.79 9.40
N VAL A 157 3.27 12.42 8.44
CA VAL A 157 4.74 12.65 8.44
C VAL A 157 5.17 13.72 7.44
N GLU A 158 5.91 14.72 7.86
CA GLU A 158 6.45 15.74 6.95
C GLU A 158 7.95 15.92 7.13
N TRP A 159 8.57 16.72 6.28
CA TRP A 159 10.00 17.10 6.40
C TRP A 159 10.21 18.62 6.34
N GLU A 160 11.15 19.09 7.15
CA GLU A 160 11.62 20.49 7.18
C GLU A 160 13.14 20.63 7.16
N SER A 161 13.60 21.68 6.55
CA SER A 161 15.00 22.10 6.61
C SER A 161 15.23 23.23 7.61
N ASN A 162 14.18 23.97 7.92
CA ASN A 162 14.24 25.04 8.94
C ASN A 162 12.85 25.42 9.47
N GLY A 163 12.53 26.69 9.33
CA GLY A 163 11.14 27.14 9.33
C GLY A 163 10.60 27.01 7.91
N GLN A 164 11.33 26.19 7.15
CA GLN A 164 11.08 25.98 5.74
C GLN A 164 10.90 24.49 5.40
N PRO A 165 9.63 24.28 4.99
CA PRO A 165 9.14 22.96 4.56
C PRO A 165 9.83 22.48 3.28
N GLU A 166 10.08 21.19 3.19
CA GLU A 166 10.70 20.64 1.98
C GLU A 166 9.81 19.90 0.99
N ASN A 167 10.36 19.70 -0.17
CA ASN A 167 9.63 19.16 -1.32
C ASN A 167 9.89 17.68 -1.54
N ASN A 168 11.13 17.42 -1.87
CA ASN A 168 11.47 16.14 -2.46
C ASN A 168 11.47 14.97 -1.48
N TYR A 169 10.29 14.65 -1.01
CA TYR A 169 10.09 13.49 -0.15
C TYR A 169 8.89 12.63 -0.50
N LYS A 170 9.00 11.38 -0.11
CA LYS A 170 7.99 10.34 -0.36
C LYS A 170 7.83 9.42 0.84
N THR A 171 6.60 9.09 1.15
CA THR A 171 6.28 8.25 2.32
C THR A 171 5.51 6.97 1.95
N THR A 172 6.06 5.83 2.37
CA THR A 172 5.45 4.51 2.16
C THR A 172 4.16 4.41 2.94
N PRO A 173 3.24 3.65 2.45
CA PRO A 173 2.04 3.27 3.19
C PRO A 173 2.39 2.54 4.47
N PRO A 174 1.64 2.80 5.51
CA PRO A 174 1.75 2.14 6.82
C PRO A 174 1.60 0.64 6.71
N VAL A 175 2.67 -0.04 7.01
CA VAL A 175 2.74 -1.50 6.93
C VAL A 175 2.52 -2.14 8.30
N LEU A 176 1.59 -3.04 8.35
CA LEU A 176 1.35 -3.78 9.57
C LEU A 176 2.50 -4.73 9.86
N ASP A 177 3.25 -4.37 10.86
CA ASP A 177 4.33 -5.17 11.41
C ASP A 177 3.82 -6.35 12.24
N SER A 178 4.73 -7.09 12.78
CA SER A 178 4.44 -8.35 13.44
C SER A 178 3.66 -8.17 14.74
N ASP A 179 3.99 -7.07 15.43
CA ASP A 179 3.46 -6.72 16.78
C ASP A 179 1.96 -6.61 16.78
N GLY A 180 1.47 -6.42 15.57
CA GLY A 180 0.14 -5.85 15.32
C GLY A 180 0.16 -4.33 15.42
N SER A 181 1.36 -3.81 15.45
CA SER A 181 1.61 -2.38 15.28
C SER A 181 2.01 -2.06 13.84
N PHE A 182 2.06 -0.79 13.51
CA PHE A 182 2.39 -0.29 12.19
C PHE A 182 3.79 0.30 12.09
N PHE A 183 4.31 0.27 10.86
CA PHE A 183 5.57 0.95 10.48
C PHE A 183 5.53 1.63 9.12
N LEU A 184 6.35 2.64 9.02
CA LEU A 184 6.56 3.36 7.76
C LEU A 184 7.90 4.07 7.71
N TYR A 185 8.41 4.15 6.52
CA TYR A 185 9.62 4.89 6.26
C TYR A 185 9.30 6.10 5.40
N SER A 186 9.99 7.15 5.62
CA SER A 186 9.82 8.32 4.77
C SER A 186 11.16 8.76 4.21
N LYS A 187 11.21 9.02 2.93
CA LYS A 187 12.47 9.34 2.26
C LYS A 187 12.55 10.75 1.65
N LEU A 188 13.36 11.56 2.29
CA LEU A 188 13.78 12.89 1.82
C LEU A 188 15.04 12.80 0.96
N THR A 189 14.95 13.23 -0.28
CA THR A 189 16.13 13.20 -1.13
C THR A 189 16.79 14.57 -1.23
N VAL A 190 18.05 14.68 -0.90
CA VAL A 190 18.75 15.97 -0.99
C VAL A 190 20.04 15.95 -1.81
N ASP A 191 20.45 17.11 -2.31
CA ASP A 191 21.78 17.27 -2.91
C ASP A 191 22.89 16.99 -1.92
N LYS A 192 23.80 16.11 -2.32
CA LYS A 192 24.96 15.63 -1.53
C LYS A 192 25.65 16.75 -0.76
N SER A 193 25.66 17.89 -1.41
CA SER A 193 26.30 19.10 -0.91
C SER A 193 25.69 19.63 0.38
N ARG A 194 24.39 19.87 0.38
CA ARG A 194 23.68 20.50 1.50
C ARG A 194 23.95 19.76 2.81
N TRP A 195 23.93 18.45 2.68
CA TRP A 195 24.10 17.55 3.81
C TRP A 195 25.50 17.69 4.39
N GLN A 196 26.42 17.91 3.48
CA GLN A 196 27.80 18.22 3.82
C GLN A 196 28.08 19.68 4.17
N GLN A 197 27.15 20.54 3.84
CA GLN A 197 27.21 21.94 4.32
C GLN A 197 26.58 22.07 5.71
N GLY A 198 26.39 20.90 6.30
CA GLY A 198 25.99 20.68 7.71
C GLY A 198 24.57 21.13 8.04
N ASN A 199 23.68 20.93 7.12
CA ASN A 199 22.27 21.31 7.33
C ASN A 199 21.55 20.33 8.24
N VAL A 200 20.54 20.84 8.90
CA VAL A 200 19.69 20.07 9.80
C VAL A 200 18.27 19.88 9.28
N PHE A 201 17.99 18.66 8.97
CA PHE A 201 16.71 18.26 8.39
C PHE A 201 15.89 17.54 9.46
N SER A 202 14.64 17.88 9.59
CA SER A 202 13.82 17.24 10.63
C SER A 202 12.63 16.48 10.05
N CYS A 203 12.41 15.30 10.58
CA CYS A 203 11.11 14.70 10.31
C CYS A 203 10.04 14.89 11.39
N SER A 204 8.94 15.44 10.98
CA SER A 204 7.88 15.79 11.89
C SER A 204 6.71 14.81 11.85
N VAL A 205 6.52 14.06 12.93
CA VAL A 205 5.41 13.09 12.99
C VAL A 205 4.24 13.55 13.86
N MET A 206 3.04 13.38 13.34
CA MET A 206 1.77 13.70 14.03
C MET A 206 0.87 12.48 14.18
N HIS A 207 0.54 12.18 15.40
CA HIS A 207 -0.20 10.96 15.77
C HIS A 207 -1.03 11.16 17.03
N GLU A 208 -2.12 10.45 17.11
CA GLU A 208 -3.02 10.37 18.26
C GLU A 208 -2.28 10.29 19.59
N ALA A 209 -1.31 9.42 19.64
CA ALA A 209 -0.59 9.05 20.86
C ALA A 209 0.76 9.72 21.04
N LEU A 210 0.90 10.88 20.45
CA LEU A 210 2.11 11.68 20.71
C LEU A 210 1.78 12.85 21.63
N HIS A 211 2.74 13.16 22.49
CA HIS A 211 2.62 14.10 23.61
C HIS A 211 1.79 15.34 23.29
N ASN A 212 2.18 16.06 22.28
CA ASN A 212 1.31 17.17 21.95
C ASN A 212 0.58 16.98 20.63
N HIS A 213 0.56 15.72 20.24
CA HIS A 213 0.05 15.20 18.95
C HIS A 213 1.10 15.46 17.88
N TYR A 214 2.26 15.79 18.35
CA TYR A 214 3.39 16.15 17.51
C TYR A 214 4.70 15.72 18.15
N THR A 215 5.61 15.32 17.30
CA THR A 215 7.02 15.12 17.62
C THR A 215 7.92 15.39 16.41
N GLN A 216 9.13 15.74 16.67
CA GLN A 216 10.03 16.00 15.58
C GLN A 216 11.43 15.52 15.89
N LYS A 217 11.91 14.59 15.11
CA LYS A 217 13.32 14.17 15.23
C LYS A 217 14.26 14.80 14.17
N SER A 218 15.50 15.12 14.51
CA SER A 218 16.37 15.78 13.54
C SER A 218 17.55 14.94 13.07
N LEU A 219 18.05 15.34 11.89
CA LEU A 219 19.19 14.83 11.11
C LEU A 219 20.17 15.92 10.67
N SER A 220 21.45 15.66 10.87
CA SER A 220 22.50 16.50 10.28
C SER A 220 23.80 15.74 10.09
N LEU A 221 24.70 16.34 9.32
CA LEU A 221 26.08 15.86 9.21
C LEU A 221 26.95 16.10 10.45
N SER A 222 27.41 15.12 11.10
N PRO B 16 -20.74 -11.73 -12.66
CA PRO B 16 -19.69 -12.78 -12.52
C PRO B 16 -18.44 -12.49 -13.35
N SER B 17 -17.56 -11.67 -12.82
CA SER B 17 -16.40 -11.28 -13.63
C SER B 17 -15.12 -12.06 -13.32
N VAL B 18 -14.11 -11.64 -14.05
CA VAL B 18 -12.80 -12.25 -14.07
C VAL B 18 -11.69 -11.25 -13.69
N PHE B 19 -10.68 -11.75 -12.97
CA PHE B 19 -9.45 -11.03 -12.60
C PHE B 19 -8.22 -11.83 -12.98
N LEU B 20 -7.27 -11.22 -13.70
CA LEU B 20 -6.01 -11.89 -14.10
C LEU B 20 -4.84 -11.60 -13.18
N PHE B 21 -4.21 -12.63 -12.66
CA PHE B 21 -3.10 -12.45 -11.74
C PHE B 21 -1.76 -12.91 -12.32
N PRO B 22 -0.78 -12.02 -12.21
CA PRO B 22 0.60 -12.20 -12.72
C PRO B 22 1.46 -13.11 -11.85
N PRO B 23 2.50 -13.70 -12.44
CA PRO B 23 3.52 -14.51 -11.76
C PRO B 23 4.33 -13.75 -10.72
N LYS B 24 4.80 -14.47 -9.73
CA LYS B 24 5.53 -13.87 -8.62
C LYS B 24 6.99 -13.66 -8.94
N PRO B 25 7.41 -12.48 -8.69
CA PRO B 25 8.68 -11.97 -9.20
C PRO B 25 9.87 -12.86 -8.84
N LYS B 26 9.73 -13.71 -7.85
CA LYS B 26 10.81 -14.67 -7.64
C LYS B 26 10.70 -15.90 -8.54
N ASP B 27 9.48 -16.27 -8.86
CA ASP B 27 9.17 -17.37 -9.80
C ASP B 27 9.67 -17.09 -11.21
N THR B 28 9.81 -15.85 -11.55
CA THR B 28 10.15 -15.55 -12.92
C THR B 28 11.59 -15.10 -13.03
N LEU B 29 12.19 -14.85 -11.91
CA LEU B 29 13.58 -14.42 -12.01
C LEU B 29 14.49 -15.61 -11.79
N MET B 30 13.87 -16.70 -11.39
CA MET B 30 14.56 -17.99 -11.17
C MET B 30 14.05 -19.09 -12.07
N ILE B 31 14.92 -19.62 -12.90
CA ILE B 31 14.55 -20.66 -13.86
C ILE B 31 14.23 -21.99 -13.18
N SER B 32 14.64 -22.12 -11.94
CA SER B 32 14.45 -23.35 -11.13
C SER B 32 12.96 -23.56 -10.92
N ARG B 33 12.32 -22.39 -10.83
CA ARG B 33 10.97 -22.19 -10.36
C ARG B 33 9.99 -22.03 -11.51
N THR B 34 8.77 -22.50 -11.35
CA THR B 34 7.79 -22.42 -12.42
C THR B 34 6.67 -21.40 -12.21
N PRO B 35 6.80 -20.34 -12.96
CA PRO B 35 5.86 -19.20 -12.95
C PRO B 35 4.53 -19.61 -13.51
N GLU B 36 3.49 -18.95 -13.07
CA GLU B 36 2.16 -19.13 -13.64
C GLU B 36 1.31 -17.86 -13.63
N VAL B 37 0.39 -17.80 -14.57
CA VAL B 37 -0.66 -16.77 -14.62
C VAL B 37 -2.02 -17.34 -14.23
N THR B 38 -2.63 -16.73 -13.24
CA THR B 38 -3.85 -17.27 -12.65
C THR B 38 -5.10 -16.47 -12.97
N CYS B 39 -6.02 -17.13 -13.65
CA CYS B 39 -7.32 -16.55 -14.00
C CYS B 39 -8.43 -16.96 -13.05
N VAL B 40 -8.88 -16.00 -12.27
CA VAL B 40 -9.92 -16.20 -11.25
C VAL B 40 -11.25 -15.57 -11.61
N VAL B 41 -12.20 -16.47 -11.84
CA VAL B 41 -13.62 -16.17 -12.08
C VAL B 41 -14.44 -16.34 -10.81
N VAL B 42 -14.98 -15.23 -10.37
CA VAL B 42 -15.89 -15.15 -9.23
C VAL B 42 -17.33 -14.87 -9.65
N ASP B 43 -18.22 -14.88 -8.65
CA ASP B 43 -19.67 -14.65 -8.72
C ASP B 43 -20.43 -15.58 -9.65
N VAL B 44 -19.82 -16.73 -9.91
CA VAL B 44 -20.43 -17.81 -10.71
C VAL B 44 -21.70 -18.38 -10.08
N SER B 45 -22.83 -17.98 -10.61
CA SER B 45 -24.12 -18.31 -9.98
C SER B 45 -24.73 -19.63 -10.41
N HIS B 46 -25.00 -20.43 -9.39
CA HIS B 46 -25.58 -21.79 -9.35
C HIS B 46 -26.06 -22.39 -10.65
N GLU B 47 -27.05 -21.74 -11.23
CA GLU B 47 -27.83 -22.36 -12.30
C GLU B 47 -27.09 -22.39 -13.63
N ASP B 48 -26.06 -21.55 -13.72
CA ASP B 48 -25.06 -21.63 -14.81
C ASP B 48 -23.62 -21.85 -14.34
N PRO B 49 -23.30 -23.01 -13.80
CA PRO B 49 -21.95 -23.34 -13.24
C PRO B 49 -20.86 -23.63 -14.28
N GLN B 50 -21.23 -23.64 -15.54
CA GLN B 50 -20.38 -24.09 -16.66
C GLN B 50 -19.39 -23.04 -17.19
N VAL B 51 -18.24 -23.01 -16.56
CA VAL B 51 -17.18 -22.06 -16.93
C VAL B 51 -16.20 -22.64 -17.95
N LYS B 52 -15.93 -21.87 -18.99
CA LYS B 52 -15.05 -22.28 -20.08
C LYS B 52 -13.93 -21.29 -20.36
N PHE B 53 -12.81 -21.59 -19.73
CA PHE B 53 -11.55 -20.84 -19.85
C PHE B 53 -10.86 -21.15 -21.16
N ASN B 54 -10.56 -20.10 -21.91
CA ASN B 54 -9.85 -20.17 -23.20
C ASN B 54 -8.55 -19.36 -23.11
N TRP B 55 -7.42 -20.03 -23.26
CA TRP B 55 -6.09 -19.41 -23.03
C TRP B 55 -5.23 -19.23 -24.27
N TYR B 56 -5.04 -17.97 -24.57
CA TYR B 56 -4.28 -17.43 -25.69
C TYR B 56 -2.99 -16.75 -25.22
N VAL B 57 -1.87 -17.22 -25.72
CA VAL B 57 -0.59 -16.50 -25.56
C VAL B 57 -0.33 -15.52 -26.69
N ASP B 58 -0.54 -14.28 -26.32
CA ASP B 58 -0.14 -13.13 -27.08
C ASP B 58 -0.99 -13.00 -28.33
N GLY B 59 -0.56 -13.66 -29.37
CA GLY B 59 -1.43 -13.82 -30.55
C GLY B 59 -2.17 -15.16 -30.57
N VAL B 60 -1.47 -16.18 -30.19
CA VAL B 60 -1.86 -17.57 -30.45
C VAL B 60 -2.42 -18.34 -29.24
N GLN B 61 -3.55 -18.97 -29.46
CA GLN B 61 -4.16 -19.82 -28.43
C GLN B 61 -3.24 -20.96 -28.02
N VAL B 62 -2.72 -20.92 -26.81
CA VAL B 62 -1.95 -22.09 -26.33
C VAL B 62 -2.83 -23.26 -25.90
N HIS B 63 -4.09 -23.10 -26.24
CA HIS B 63 -5.19 -24.06 -26.05
C HIS B 63 -5.10 -24.76 -24.71
N ASN B 64 -4.49 -25.94 -24.73
CA ASN B 64 -4.16 -26.67 -23.49
C ASN B 64 -2.93 -26.14 -22.77
N ALA B 65 -1.81 -26.14 -23.45
CA ALA B 65 -0.49 -25.81 -22.88
C ALA B 65 -0.28 -26.67 -21.65
N LYS B 66 -0.56 -26.05 -20.54
CA LYS B 66 -0.89 -26.80 -19.34
C LYS B 66 -1.79 -26.00 -18.39
N THR B 67 -2.97 -25.72 -18.92
CA THR B 67 -4.09 -25.03 -18.25
C THR B 67 -4.81 -25.98 -17.30
N LYS B 68 -5.07 -25.56 -16.07
CA LYS B 68 -5.71 -26.49 -15.10
C LYS B 68 -6.65 -25.87 -14.06
N PRO B 69 -7.94 -25.83 -14.38
CA PRO B 69 -9.04 -25.37 -13.47
C PRO B 69 -9.43 -26.31 -12.32
N ARG B 70 -10.68 -26.17 -11.85
CA ARG B 70 -11.46 -26.91 -10.79
C ARG B 70 -12.50 -26.03 -10.10
N GLU B 71 -13.68 -26.57 -9.85
CA GLU B 71 -14.81 -25.88 -9.20
C GLU B 71 -14.73 -25.88 -7.66
N GLN B 72 -15.09 -24.75 -7.07
CA GLN B 72 -15.16 -24.58 -5.60
C GLN B 72 -16.45 -23.88 -5.16
N GLN B 73 -17.25 -24.58 -4.38
CA GLN B 73 -18.57 -24.09 -3.93
C GLN B 73 -18.52 -23.21 -2.69
N TYR B 74 -18.58 -21.91 -2.94
CA TYR B 74 -18.43 -20.84 -1.93
C TYR B 74 -19.74 -20.27 -1.42
N ASN B 75 -19.55 -19.12 -0.77
CA ASN B 75 -20.52 -18.07 -0.39
C ASN B 75 -21.97 -18.53 -0.41
N SER B 76 -22.52 -18.33 -1.58
CA SER B 76 -23.79 -18.91 -2.04
C SER B 76 -23.74 -19.02 -3.56
N THR B 77 -22.54 -19.32 -3.98
CA THR B 77 -22.07 -19.23 -5.37
C THR B 77 -20.88 -20.14 -5.64
N TYR B 78 -20.27 -19.99 -6.80
CA TYR B 78 -19.10 -20.77 -7.20
C TYR B 78 -17.87 -19.93 -7.47
N ARG B 79 -16.73 -20.58 -7.32
CA ARG B 79 -15.39 -20.06 -7.57
C ARG B 79 -14.57 -21.04 -8.42
N VAL B 80 -14.32 -20.66 -9.64
CA VAL B 80 -13.50 -21.48 -10.55
C VAL B 80 -12.27 -20.70 -10.99
N VAL B 81 -11.13 -21.33 -10.85
CA VAL B 81 -9.83 -20.72 -11.12
C VAL B 81 -9.01 -21.60 -12.06
N SER B 82 -8.53 -21.02 -13.13
CA SER B 82 -7.60 -21.72 -14.01
C SER B 82 -6.21 -21.09 -14.11
N VAL B 83 -5.23 -21.93 -13.83
CA VAL B 83 -3.80 -21.62 -13.85
C VAL B 83 -3.10 -22.07 -15.13
N LEU B 84 -2.38 -21.15 -15.73
CA LEU B 84 -1.52 -21.40 -16.90
C LEU B 84 -0.06 -21.18 -16.56
N THR B 85 0.80 -22.14 -16.87
CA THR B 85 2.25 -21.96 -16.73
C THR B 85 2.80 -21.00 -17.76
N VAL B 86 3.81 -20.26 -17.36
CA VAL B 86 4.55 -19.30 -18.19
C VAL B 86 5.99 -19.78 -18.41
N LEU B 87 6.52 -19.45 -19.57
CA LEU B 87 7.98 -19.45 -19.80
C LEU B 87 8.55 -18.07 -19.51
N HIS B 88 9.47 -18.06 -18.57
CA HIS B 88 10.15 -16.88 -18.05
C HIS B 88 10.42 -15.84 -19.13
N GLN B 89 11.01 -16.36 -20.16
CA GLN B 89 11.49 -15.62 -21.32
C GLN B 89 10.37 -14.79 -21.93
N ASN B 90 9.27 -15.46 -22.13
CA ASN B 90 8.08 -14.82 -22.69
C ASN B 90 7.66 -13.68 -21.80
N TRP B 91 7.54 -14.00 -20.54
CA TRP B 91 7.04 -13.05 -19.57
C TRP B 91 7.93 -11.81 -19.61
N LEU B 92 9.21 -12.07 -19.61
CA LEU B 92 10.21 -11.02 -19.53
C LEU B 92 10.31 -10.24 -20.82
N ASP B 93 9.95 -10.91 -21.91
CA ASP B 93 9.91 -10.24 -23.23
C ASP B 93 8.60 -9.55 -23.52
N GLY B 94 7.75 -9.61 -22.54
CA GLY B 94 6.65 -8.67 -22.46
C GLY B 94 5.46 -9.09 -23.31
N LYS B 95 5.36 -10.38 -23.57
CA LYS B 95 4.20 -10.97 -24.26
C LYS B 95 2.90 -10.77 -23.49
N GLU B 96 1.79 -10.63 -24.20
CA GLU B 96 0.48 -10.59 -23.55
C GLU B 96 -0.06 -11.97 -23.20
N TYR B 97 -0.73 -12.08 -22.08
CA TYR B 97 -1.41 -13.33 -21.72
C TYR B 97 -2.91 -13.11 -21.55
N LYS B 98 -3.66 -13.87 -22.33
CA LYS B 98 -5.10 -13.64 -22.54
C LYS B 98 -6.00 -14.79 -22.13
N CYS B 99 -6.79 -14.53 -21.11
CA CYS B 99 -7.80 -15.42 -20.53
C CYS B 99 -9.20 -15.06 -21.04
N LYS B 100 -9.87 -15.99 -21.70
CA LYS B 100 -11.22 -15.76 -22.23
C LYS B 100 -12.29 -16.67 -21.63
N VAL B 101 -13.03 -16.13 -20.70
CA VAL B 101 -13.98 -16.91 -19.92
C VAL B 101 -15.34 -17.05 -20.61
N SER B 102 -15.88 -18.25 -20.53
CA SER B 102 -17.25 -18.57 -20.98
C SER B 102 -18.09 -19.14 -19.83
N ASN B 103 -19.38 -18.90 -19.92
CA ASN B 103 -20.41 -19.32 -18.94
C ASN B 103 -21.77 -18.84 -19.43
N LYS B 104 -22.56 -19.78 -19.92
CA LYS B 104 -23.89 -19.63 -20.57
C LYS B 104 -24.68 -18.36 -20.23
N ALA B 105 -24.72 -18.04 -18.95
CA ALA B 105 -25.46 -16.90 -18.40
C ALA B 105 -24.89 -15.62 -18.96
N LEU B 106 -23.59 -15.51 -18.80
CA LEU B 106 -22.71 -14.41 -19.25
C LEU B 106 -22.74 -14.27 -20.77
N PRO B 107 -23.50 -13.26 -21.19
CA PRO B 107 -24.01 -13.11 -22.57
C PRO B 107 -22.93 -13.02 -23.63
N ALA B 108 -22.02 -12.10 -23.40
CA ALA B 108 -20.72 -12.02 -24.08
C ALA B 108 -19.59 -12.56 -23.22
N PRO B 109 -18.68 -13.28 -23.86
CA PRO B 109 -17.45 -13.84 -23.25
C PRO B 109 -16.46 -12.81 -22.70
N ILE B 110 -16.00 -13.04 -21.49
CA ILE B 110 -14.97 -12.16 -20.88
C ILE B 110 -13.52 -12.45 -21.27
N GLU B 111 -13.00 -11.60 -22.12
CA GLU B 111 -11.61 -11.56 -22.60
C GLU B 111 -10.73 -10.61 -21.78
N LYS B 112 -10.15 -11.10 -20.71
CA LYS B 112 -9.11 -10.30 -20.04
C LYS B 112 -7.67 -10.67 -20.37
N THR B 113 -6.86 -9.64 -20.45
CA THR B 113 -5.46 -9.76 -20.88
C THR B 113 -4.51 -9.03 -19.95
N ILE B 114 -3.39 -9.65 -19.70
CA ILE B 114 -2.36 -9.20 -18.76
C ILE B 114 -1.00 -9.25 -19.45
N SER B 115 0.02 -8.73 -18.79
CA SER B 115 1.43 -8.71 -19.20
C SER B 115 2.21 -7.86 -18.20
N LYS B 116 3.51 -7.78 -18.36
CA LYS B 116 4.28 -6.92 -17.45
C LYS B 116 4.27 -5.46 -17.87
N ALA B 117 4.94 -4.61 -17.08
CA ALA B 117 4.94 -3.18 -17.37
C ALA B 117 5.87 -2.82 -18.52
N LYS B 118 5.42 -1.91 -19.34
CA LYS B 118 6.25 -1.40 -20.44
C LYS B 118 7.21 -0.29 -20.00
N GLY B 119 8.43 -0.44 -20.41
CA GLY B 119 9.51 0.48 -20.11
C GLY B 119 10.76 -0.35 -19.89
N GLN B 120 11.92 0.24 -19.97
CA GLN B 120 13.06 -0.63 -19.78
C GLN B 120 13.62 -0.60 -18.36
N PRO B 121 14.01 -1.77 -17.89
CA PRO B 121 14.44 -1.99 -16.52
C PRO B 121 15.49 -1.00 -16.06
N ARG B 122 15.38 -0.69 -14.80
CA ARG B 122 16.39 0.04 -14.03
C ARG B 122 16.86 -0.82 -12.87
N GLU B 123 18.14 -0.94 -12.79
CA GLU B 123 18.85 -1.73 -11.79
C GLU B 123 18.72 -1.11 -10.39
N PRO B 124 18.22 -1.89 -9.46
CA PRO B 124 17.90 -1.43 -8.09
C PRO B 124 19.17 -1.07 -7.33
N GLN B 125 19.16 0.05 -6.64
CA GLN B 125 20.28 0.40 -5.76
C GLN B 125 20.06 -0.02 -4.32
N VAL B 126 20.79 -1.02 -3.91
CA VAL B 126 20.59 -1.73 -2.65
C VAL B 126 21.52 -1.24 -1.52
N TYR B 127 21.09 -0.24 -0.77
CA TYR B 127 21.91 0.19 0.36
C TYR B 127 21.37 -0.27 1.70
N THR B 128 22.24 -0.72 2.58
CA THR B 128 21.83 -1.15 3.92
C THR B 128 22.19 -0.16 5.01
N LEU B 129 21.26 0.04 5.89
CA LEU B 129 21.36 0.94 7.03
C LEU B 129 21.30 0.19 8.36
N PRO B 130 22.22 0.55 9.19
CA PRO B 130 22.31 0.13 10.59
C PRO B 130 21.20 0.70 11.46
N PRO B 131 21.01 0.07 12.62
CA PRO B 131 20.18 0.60 13.72
C PRO B 131 20.71 1.92 14.24
N SER B 132 19.77 2.73 14.65
CA SER B 132 20.05 4.03 15.26
C SER B 132 20.43 3.91 16.73
N ARG B 133 21.25 4.85 17.14
CA ARG B 133 21.73 4.94 18.51
C ARG B 133 20.54 5.14 19.44
N GLU B 134 19.59 5.90 18.97
CA GLU B 134 18.37 6.11 19.74
C GLU B 134 17.57 4.84 19.87
N GLU B 135 17.88 3.87 19.04
CA GLU B 135 17.15 2.61 19.11
C GLU B 135 17.94 1.54 19.87
N MET B 136 19.17 1.86 20.20
CA MET B 136 20.01 0.91 20.96
C MET B 136 19.54 0.77 22.40
N THR B 137 18.67 1.67 22.77
CA THR B 137 17.98 1.73 24.07
C THR B 137 17.00 0.58 24.27
N LYS B 138 16.68 -0.09 23.18
CA LYS B 138 15.66 -1.15 23.10
C LYS B 138 16.27 -2.54 22.97
N ASN B 139 15.63 -3.52 23.59
CA ASN B 139 16.11 -4.91 23.64
C ASN B 139 16.10 -5.58 22.27
N GLN B 140 15.51 -4.85 21.36
CA GLN B 140 15.48 -5.14 19.92
C GLN B 140 15.83 -3.92 19.07
N VAL B 141 16.63 -4.17 18.08
CA VAL B 141 16.96 -3.14 17.10
C VAL B 141 16.50 -3.49 15.68
N SER B 142 16.49 -2.48 14.84
CA SER B 142 16.00 -2.60 13.47
C SER B 142 17.05 -2.28 12.41
N LEU B 143 17.39 -3.33 11.67
CA LEU B 143 18.19 -3.32 10.42
C LEU B 143 17.32 -3.06 9.20
N THR B 144 17.85 -2.29 8.29
CA THR B 144 17.08 -1.79 7.13
C THR B 144 17.87 -1.97 5.84
N CYS B 145 17.23 -2.36 4.75
CA CYS B 145 17.80 -1.98 3.46
C CYS B 145 16.86 -1.17 2.57
N LEU B 146 17.31 0.02 2.26
CA LEU B 146 16.67 0.90 1.29
C LEU B 146 16.98 0.37 -0.09
N VAL B 147 15.98 0.02 -0.85
CA VAL B 147 16.22 -0.42 -2.21
C VAL B 147 15.62 0.54 -3.23
N LYS B 148 16.42 1.40 -3.82
CA LYS B 148 15.88 2.52 -4.61
C LYS B 148 16.26 2.56 -6.09
N GLY B 149 15.53 3.36 -6.83
CA GLY B 149 15.80 3.64 -8.24
C GLY B 149 15.69 2.43 -9.18
N PHE B 150 14.73 1.56 -8.98
CA PHE B 150 14.47 0.41 -9.87
C PHE B 150 13.27 0.56 -10.79
N TYR B 151 13.11 -0.39 -11.67
CA TYR B 151 11.97 -0.48 -12.59
C TYR B 151 12.01 -1.78 -13.38
N PRO B 152 10.91 -2.44 -13.64
CA PRO B 152 9.55 -2.24 -13.07
C PRO B 152 9.46 -2.64 -11.60
N SER B 153 8.31 -2.38 -11.00
CA SER B 153 8.05 -2.57 -9.55
C SER B 153 8.28 -3.99 -9.04
N ASP B 154 8.43 -4.95 -9.95
CA ASP B 154 8.47 -6.36 -9.58
C ASP B 154 9.80 -6.71 -8.97
N ILE B 155 9.81 -6.96 -7.72
CA ILE B 155 11.09 -7.30 -7.11
C ILE B 155 10.87 -8.24 -5.95
N ALA B 156 11.94 -8.87 -5.48
CA ALA B 156 11.91 -9.72 -4.29
C ALA B 156 13.05 -9.45 -3.32
N VAL B 157 12.75 -8.85 -2.19
CA VAL B 157 13.74 -8.65 -1.13
C VAL B 157 13.62 -9.72 -0.06
N GLU B 158 14.68 -10.48 0.21
CA GLU B 158 14.67 -11.47 1.32
C GLU B 158 15.90 -11.33 2.19
N TRP B 159 15.83 -11.83 3.43
CA TRP B 159 16.86 -11.62 4.47
C TRP B 159 17.51 -12.89 4.99
N GLU B 160 18.81 -12.81 5.21
CA GLU B 160 19.66 -13.89 5.74
C GLU B 160 20.59 -13.37 6.82
N SER B 161 21.16 -14.32 7.56
CA SER B 161 22.10 -14.03 8.64
C SER B 161 23.37 -14.85 8.58
N ASN B 162 23.31 -16.01 7.94
CA ASN B 162 24.50 -16.86 7.73
C ASN B 162 24.33 -17.69 6.48
N GLY B 163 24.17 -18.97 6.70
CA GLY B 163 23.80 -19.90 5.63
C GLY B 163 22.29 -20.01 5.63
N GLN B 164 21.73 -19.40 6.65
CA GLN B 164 20.32 -19.54 6.99
C GLN B 164 19.50 -18.25 7.08
N PRO B 165 18.29 -18.40 6.56
CA PRO B 165 17.31 -17.31 6.38
C PRO B 165 16.81 -16.82 7.72
N GLU B 166 16.23 -15.63 7.72
CA GLU B 166 15.53 -15.10 8.91
C GLU B 166 14.03 -14.86 8.79
N ASN B 167 13.45 -14.67 9.95
CA ASN B 167 11.99 -14.54 10.13
C ASN B 167 11.58 -13.08 10.20
N ASN B 168 12.22 -12.39 11.11
CA ASN B 168 11.65 -11.14 11.62
C ASN B 168 11.89 -9.90 10.77
N TYR B 169 11.65 -10.09 9.50
CA TYR B 169 11.64 -8.98 8.55
C TYR B 169 10.23 -8.67 8.02
N LYS B 170 10.08 -7.45 7.52
CA LYS B 170 8.83 -6.87 7.00
C LYS B 170 9.18 -5.80 5.99
N THR B 171 8.72 -5.96 4.78
CA THR B 171 9.15 -5.15 3.66
C THR B 171 7.99 -4.37 3.07
N THR B 172 8.10 -3.06 2.98
CA THR B 172 7.02 -2.21 2.42
C THR B 172 6.77 -2.43 0.93
N PRO B 173 5.58 -2.09 0.46
CA PRO B 173 5.23 -2.10 -0.96
C PRO B 173 6.01 -1.09 -1.78
N PRO B 174 6.24 -1.39 -3.05
CA PRO B 174 6.98 -0.48 -3.92
C PRO B 174 6.19 0.80 -4.20
N VAL B 175 6.84 1.88 -3.81
CA VAL B 175 6.34 3.24 -3.86
C VAL B 175 6.94 4.00 -5.04
N LEU B 176 6.12 4.56 -5.87
CA LEU B 176 6.59 5.30 -7.03
C LEU B 176 7.27 6.57 -6.58
N ASP B 177 8.50 6.66 -6.95
CA ASP B 177 9.37 7.79 -6.62
C ASP B 177 9.41 8.82 -7.74
N SER B 178 10.06 9.91 -7.49
CA SER B 178 10.05 11.04 -8.40
C SER B 178 10.67 10.74 -9.77
N ASP B 179 11.72 9.93 -9.82
CA ASP B 179 12.44 9.56 -11.07
C ASP B 179 11.55 8.92 -12.12
N GLY B 180 10.39 8.52 -11.65
CA GLY B 180 9.54 7.58 -12.36
C GLY B 180 10.11 6.18 -12.23
N SER B 181 10.94 6.06 -11.23
CA SER B 181 11.44 4.77 -10.77
C SER B 181 10.80 4.42 -9.43
N PHE B 182 11.17 3.30 -8.84
CA PHE B 182 10.61 2.86 -7.55
C PHE B 182 11.57 2.89 -6.37
N PHE B 183 10.98 2.91 -5.20
CA PHE B 183 11.65 2.50 -3.97
C PHE B 183 10.80 1.57 -3.11
N LEU B 184 11.47 0.92 -2.21
CA LEU B 184 10.91 0.18 -1.08
C LEU B 184 11.95 0.03 0.02
N TYR B 185 11.51 0.02 1.23
CA TYR B 185 12.42 -0.28 2.33
C TYR B 185 12.03 -1.61 2.94
N SER B 186 13.02 -2.32 3.44
CA SER B 186 12.80 -3.59 4.15
C SER B 186 13.46 -3.56 5.51
N LYS B 187 12.69 -3.82 6.53
CA LYS B 187 13.09 -3.74 7.93
C LYS B 187 13.15 -5.10 8.61
N LEU B 188 14.37 -5.49 8.98
CA LEU B 188 14.63 -6.70 9.78
C LEU B 188 14.85 -6.35 11.25
N THR B 189 14.15 -7.05 12.13
CA THR B 189 14.22 -6.84 13.60
C THR B 189 14.98 -7.96 14.31
N VAL B 190 16.11 -7.66 14.88
CA VAL B 190 16.80 -8.67 15.69
C VAL B 190 17.05 -8.17 17.11
N ASP B 191 17.47 -9.10 17.96
CA ASP B 191 17.95 -8.85 19.33
C ASP B 191 19.20 -8.00 19.38
N LYS B 192 19.12 -6.97 20.21
CA LYS B 192 20.23 -6.04 20.49
C LYS B 192 21.50 -6.80 20.79
N SER B 193 21.33 -7.96 21.37
CA SER B 193 22.42 -8.88 21.65
C SER B 193 23.13 -9.42 20.40
N ARG B 194 22.36 -10.00 19.49
CA ARG B 194 22.89 -10.65 18.29
C ARG B 194 23.67 -9.68 17.41
N TRP B 195 23.08 -8.52 17.28
CA TRP B 195 23.69 -7.37 16.62
C TRP B 195 25.01 -7.03 17.29
N GLN B 196 24.98 -7.02 18.60
CA GLN B 196 26.16 -6.67 19.39
C GLN B 196 27.25 -7.72 19.45
N GLN B 197 26.87 -8.97 19.37
CA GLN B 197 27.88 -10.01 19.33
C GLN B 197 28.69 -9.91 18.04
N GLY B 198 28.16 -9.17 17.11
CA GLY B 198 28.89 -8.88 15.87
C GLY B 198 28.64 -9.95 14.81
N ASN B 199 27.38 -10.07 14.45
CA ASN B 199 26.87 -11.01 13.46
C ASN B 199 26.60 -10.27 12.14
N VAL B 200 26.63 -11.01 11.06
CA VAL B 200 26.59 -10.41 9.73
C VAL B 200 25.30 -10.71 8.97
N PHE B 201 24.40 -9.73 8.93
CA PHE B 201 23.09 -9.84 8.25
C PHE B 201 23.19 -9.41 6.80
N SER B 202 22.36 -10.04 5.98
CA SER B 202 22.34 -9.85 4.53
C SER B 202 20.96 -9.51 3.97
N CYS B 203 20.93 -8.44 3.21
CA CYS B 203 19.79 -8.09 2.37
C CYS B 203 19.99 -8.57 0.94
N SER B 204 19.13 -9.44 0.47
CA SER B 204 19.23 -10.05 -0.85
C SER B 204 18.09 -9.61 -1.76
N VAL B 205 18.39 -8.79 -2.74
CA VAL B 205 17.40 -8.26 -3.67
C VAL B 205 17.46 -9.00 -4.99
N MET B 206 16.34 -9.53 -5.44
CA MET B 206 16.24 -10.23 -6.74
C MET B 206 15.38 -9.44 -7.70
N HIS B 207 15.98 -8.97 -8.78
CA HIS B 207 15.35 -8.10 -9.77
C HIS B 207 15.84 -8.35 -11.20
N GLU B 208 14.92 -8.33 -12.14
CA GLU B 208 15.12 -8.47 -13.59
C GLU B 208 16.44 -7.88 -14.12
N ALA B 209 16.82 -6.72 -13.62
CA ALA B 209 17.92 -5.96 -14.23
C ALA B 209 19.24 -6.06 -13.50
N LEU B 210 19.39 -7.07 -12.66
CA LEU B 210 20.63 -7.31 -11.90
C LEU B 210 21.42 -8.46 -12.50
N HIS B 211 22.74 -8.37 -12.40
CA HIS B 211 23.70 -9.25 -13.09
C HIS B 211 23.25 -10.70 -13.19
N ASN B 212 23.04 -11.28 -12.05
CA ASN B 212 22.59 -12.66 -12.06
C ASN B 212 21.21 -12.78 -11.45
N HIS B 213 20.42 -11.75 -11.68
CA HIS B 213 19.07 -11.64 -11.12
C HIS B 213 19.10 -11.62 -9.59
N TYR B 214 20.25 -11.23 -9.12
CA TYR B 214 20.54 -11.31 -7.69
C TYR B 214 21.61 -10.29 -7.34
N THR B 215 21.45 -9.70 -6.20
CA THR B 215 22.47 -8.91 -5.53
C THR B 215 22.26 -8.97 -4.03
N GLN B 216 23.29 -8.77 -3.27
CA GLN B 216 23.17 -8.99 -1.83
C GLN B 216 24.09 -8.10 -1.00
N LYS B 217 23.52 -7.09 -0.37
CA LYS B 217 24.24 -6.13 0.47
C LYS B 217 24.18 -6.46 1.96
N SER B 218 25.33 -6.43 2.60
CA SER B 218 25.55 -6.90 3.96
C SER B 218 25.88 -5.86 5.03
N LEU B 219 25.48 -6.24 6.22
CA LEU B 219 25.60 -5.50 7.49
C LEU B 219 26.26 -6.38 8.54
N SER B 220 27.00 -5.75 9.41
CA SER B 220 27.65 -6.33 10.58
C SER B 220 28.00 -5.20 11.52
N LEU B 221 28.28 -5.52 12.75
CA LEU B 221 28.53 -4.45 13.73
C LEU B 221 29.98 -3.98 13.75
N SER B 222 30.23 -2.75 13.67
C1 NAG C . -21.17 7.99 -13.80
C2 NAG C . -20.68 6.64 -13.29
C3 NAG C . -20.17 6.70 -11.86
C4 NAG C . -19.03 7.75 -11.79
C5 NAG C . -19.47 9.09 -12.35
C6 NAG C . -18.28 10.06 -12.46
C7 NAG C . -21.66 4.67 -14.33
C8 NAG C . -20.35 4.53 -15.11
N2 NAG C . -21.73 5.66 -13.47
O3 NAG C . -19.73 5.37 -11.50
O4 NAG C . -18.58 8.01 -10.46
O5 NAG C . -20.06 8.90 -13.65
O6 NAG C . -17.49 9.71 -13.59
O7 NAG C . -22.55 3.79 -14.43
C1 NAG C . -17.56 7.21 -9.84
C2 NAG C . -17.00 7.93 -8.60
C3 NAG C . -16.05 6.98 -7.80
C4 NAG C . -16.71 5.61 -7.53
C5 NAG C . -17.30 5.00 -8.82
C6 NAG C . -18.15 3.73 -8.57
C7 NAG C . -16.54 10.38 -8.64
C8 NAG C . -15.64 11.44 -9.26
N2 NAG C . -16.29 9.14 -9.03
O3 NAG C . -15.63 7.59 -6.57
O4 NAG C . -15.72 4.68 -7.05
O5 NAG C . -18.15 5.97 -9.42
O6 NAG C . -18.76 3.30 -9.78
O7 NAG C . -17.44 10.71 -7.82
C1 MAN C . -15.44 4.58 -5.65
C2 MAN C . -15.05 3.13 -5.37
C3 MAN C . -14.50 2.98 -3.93
C4 MAN C . -13.38 3.98 -3.71
C5 MAN C . -13.84 5.41 -4.02
C6 MAN C . -12.64 6.35 -3.93
O2 MAN C . -14.06 2.75 -6.31
O3 MAN C . -13.89 1.70 -3.72
O4 MAN C . -12.89 3.85 -2.39
O5 MAN C . -14.33 5.43 -5.35
O6 MAN C . -13.11 7.68 -4.05
C1 MAN C . -12.14 8.69 -3.75
C2 MAN C . -12.77 10.08 -3.71
C3 MAN C . -13.37 10.47 -5.07
C4 MAN C . -12.35 10.29 -6.19
C5 MAN C . -11.73 8.87 -6.14
C6 MAN C . -10.55 8.68 -7.10
O2 MAN C . -11.75 10.99 -3.32
O3 MAN C . -13.84 11.82 -5.02
O4 MAN C . -13.00 10.50 -7.46
O5 MAN C . -11.21 8.65 -4.83
O6 MAN C . -9.43 9.46 -6.62
C1 NAG C . -11.74 11.32 -1.93
C2 NAG C . -10.52 12.18 -1.55
C3 NAG C . -10.68 12.90 -0.20
C4 NAG C . -12.08 13.55 -0.01
C5 NAG C . -13.22 12.59 -0.40
C6 NAG C . -14.58 13.30 -0.47
C7 NAG C . -8.12 11.77 -1.89
C8 NAG C . -6.98 10.76 -1.75
N2 NAG C . -9.31 11.34 -1.53
O3 NAG C . -9.63 13.88 -0.18
O4 NAG C . -12.36 13.99 1.34
O5 NAG C . -12.94 12.07 -1.70
O6 NAG C . -14.53 14.32 -1.48
O7 NAG C . -7.87 12.93 -2.30
C1 GAL C . -11.58 14.94 2.09
C2 GAL C . -11.57 16.36 1.48
C3 GAL C . -10.69 17.25 2.34
C4 GAL C . -11.21 17.29 3.78
C5 GAL C . -11.36 15.87 4.35
C6 GAL C . -12.05 15.89 5.72
O2 GAL C . -11.05 16.43 0.15
O3 GAL C . -10.62 18.56 1.75
O4 GAL C . -12.50 17.90 3.79
O5 GAL C . -12.10 15.06 3.42
O6 GAL C . -11.26 16.60 6.70
C1 MAN C . -14.44 0.80 -2.76
C2 MAN C . -13.57 -0.48 -2.74
C3 MAN C . -13.60 -1.15 -4.12
C4 MAN C . -15.05 -1.43 -4.57
C5 MAN C . -15.91 -0.16 -4.50
C6 MAN C . -17.40 -0.43 -4.77
O2 MAN C . -14.10 -1.37 -1.75
O3 MAN C . -12.84 -2.37 -4.13
O4 MAN C . -15.06 -1.97 -5.90
O5 MAN C . -15.75 0.43 -3.21
O6 MAN C . -17.90 -1.35 -3.76
C1 NAG C . -13.54 -1.42 -0.43
C2 NAG C . -12.14 -2.07 -0.54
C3 NAG C . -11.30 -1.87 0.73
C4 NAG C . -11.22 -0.37 1.08
C5 NAG C . -12.63 0.21 1.25
C6 NAG C . -12.59 1.75 1.42
C7 NAG C . -11.55 -4.08 -1.82
C8 NAG C . -11.84 -5.55 -2.06
N2 NAG C . -12.25 -3.50 -0.87
O3 NAG C . -9.98 -2.38 0.52
O4 NAG C . -10.46 -0.16 2.27
O5 NAG C . -13.41 -0.08 0.09
O6 NAG C . -12.04 2.33 0.23
O7 NAG C . -10.69 -3.48 -2.52
C1 FUC C . -16.35 10.50 -13.96
C2 FUC C . -16.74 11.99 -14.08
C3 FUC C . -17.57 12.26 -15.36
C4 FUC C . -16.80 11.75 -16.59
C5 FUC C . -16.54 10.25 -16.42
C6 FUC C . -15.72 9.69 -17.60
O2 FUC C . -15.54 12.77 -14.15
O3 FUC C . -18.83 11.58 -15.29
O4 FUC C . -17.54 11.99 -17.78
O5 FUC C . -15.82 10.04 -15.20
C1 NAG D . -19.27 -14.53 -2.43
C2 NAG D . -19.17 -13.15 -3.11
C3 NAG D . -17.87 -13.00 -3.90
C4 NAG D . -16.65 -13.26 -2.98
C5 NAG D . -16.80 -14.65 -2.30
C6 NAG D . -15.72 -14.92 -1.24
C7 NAG D . -21.20 -11.94 -3.75
C8 NAG D . -20.88 -11.03 -2.56
N2 NAG D . -20.33 -12.91 -3.97
O3 NAG D . -17.81 -11.69 -4.48
O4 NAG D . -15.44 -13.26 -3.74
O5 NAG D . -18.08 -14.73 -1.67
O6 NAG D . -16.19 -14.39 0.01
O7 NAG D . -22.19 -11.71 -4.47
C1 NAG D . -14.60 -12.10 -3.81
C2 NAG D . -13.16 -12.51 -4.18
C3 NAG D . -12.26 -11.28 -4.50
C4 NAG D . -12.94 -10.32 -5.50
C5 NAG D . -14.37 -9.98 -5.03
C6 NAG D . -15.13 -9.08 -6.04
C7 NAG D . -12.25 -14.55 -3.12
C8 NAG D . -11.73 -15.14 -1.82
N2 NAG D . -12.57 -13.27 -3.08
O3 NAG D . -11.00 -11.73 -5.00
O4 NAG D . -12.24 -9.08 -5.59
O5 NAG D . -15.10 -11.19 -4.81
O6 NAG D . -15.58 -9.87 -7.15
O7 NAG D . -12.38 -15.29 -4.13
C1 MAN D . -11.10 -8.89 -6.44
C2 MAN D . -11.03 -7.40 -6.82
C3 MAN D . -9.65 -7.05 -7.41
C4 MAN D . -8.53 -7.47 -6.47
C5 MAN D . -8.65 -8.96 -6.20
C6 MAN D . -7.64 -9.33 -5.13
O2 MAN D . -11.28 -6.60 -5.67
O3 MAN D . -9.48 -5.63 -7.54
O4 MAN D . -7.25 -7.17 -7.04
O5 MAN D . -9.95 -9.23 -5.67
O6 MAN D . -7.68 -10.73 -4.96
C1 MAN D . -6.58 -11.26 -4.26
C2 MAN D . -6.44 -12.74 -4.60
C3 MAN D . -7.58 -13.57 -4.00
C4 MAN D . -7.76 -13.24 -2.51
C5 MAN D . -7.93 -11.73 -2.26
C6 MAN D . -7.93 -11.39 -0.75
O2 MAN D . -5.18 -13.15 -4.10
O3 MAN D . -7.30 -14.97 -4.18
O4 MAN D . -8.84 -13.98 -1.93
O5 MAN D . -6.82 -11.06 -2.87
O6 MAN D . -6.72 -11.89 -0.16
C1 NAG D . -4.15 -13.32 -5.06
C2 NAG D . -2.86 -13.73 -4.33
C3 NAG D . -1.85 -14.41 -5.28
C4 NAG D . -2.52 -15.49 -6.16
C5 NAG D . -3.79 -14.96 -6.84
C6 NAG D . -4.60 -16.09 -7.51
C7 NAG D . -1.52 -12.60 -2.58
C8 NAG D . -0.95 -11.26 -2.12
N2 NAG D . -2.22 -12.57 -3.69
O3 NAG D . -0.86 -15.02 -4.43
O4 NAG D . -1.64 -15.96 -7.21
O5 NAG D . -4.63 -14.40 -5.84
O6 NAG D . -5.04 -16.98 -6.47
O7 NAG D . -1.27 -13.65 -1.93
C1 GAL D . -0.34 -16.48 -6.94
C2 GAL D . -0.39 -17.88 -6.26
C3 GAL D . 1.03 -18.40 -6.07
C4 GAL D . 1.76 -18.44 -7.41
C5 GAL D . 1.74 -17.07 -8.10
C6 GAL D . 2.31 -17.14 -9.52
O2 GAL D . -1.03 -17.83 -4.98
O3 GAL D . 1.00 -19.72 -5.49
O4 GAL D . 1.11 -19.39 -8.25
O5 GAL D . 0.39 -16.61 -8.17
O6 GAL D . 3.65 -17.66 -9.50
C1 MAN D . -9.63 -5.06 -8.84
C2 MAN D . -9.05 -3.64 -8.85
C3 MAN D . -9.89 -2.69 -7.96
C4 MAN D . -11.41 -2.79 -8.23
C5 MAN D . -11.87 -4.26 -8.23
C6 MAN D . -13.34 -4.37 -8.69
O2 MAN D . -9.02 -3.20 -10.21
O3 MAN D . -9.48 -1.33 -8.12
O4 MAN D . -12.14 -2.05 -7.24
O5 MAN D . -11.03 -4.98 -9.12
O6 MAN D . -13.48 -3.77 -9.98
C1 NAG D . -7.79 -3.10 -10.93
C2 NAG D . -7.50 -4.36 -11.78
C3 NAG D . -6.36 -4.12 -12.79
C4 NAG D . -6.63 -2.87 -13.62
C5 NAG D . -6.86 -1.65 -12.71
C6 NAG D . -7.27 -0.42 -13.54
C7 NAG D . -7.47 -6.78 -11.28
C8 NAG D . -7.01 -7.86 -10.30
N2 NAG D . -7.15 -5.53 -10.96
O3 NAG D . -6.20 -5.25 -13.66
O4 NAG D . -5.54 -2.61 -14.52
O5 NAG D . -7.91 -1.98 -11.80
O6 NAG D . -8.43 -0.75 -14.32
O7 NAG D . -8.07 -7.10 -12.33
C1 FUC D . -15.42 -14.68 1.18
C2 FUC D . -15.18 -16.19 1.31
C3 FUC D . -16.46 -16.95 1.68
C4 FUC D . -17.05 -16.36 2.96
C5 FUC D . -17.35 -14.87 2.75
C6 FUC D . -17.87 -14.22 4.04
O2 FUC D . -14.19 -16.41 2.31
O3 FUC D . -17.44 -16.87 0.64
O4 FUC D . -18.23 -17.06 3.35
O5 FUC D . -16.14 -14.22 2.34
#